data_5VKM
#
_entry.id   5VKM
#
_cell.length_a   124.283
_cell.length_b   57.912
_cell.length_c   48.081
_cell.angle_alpha   90.00
_cell.angle_beta   106.99
_cell.angle_gamma   90.00
#
_symmetry.space_group_name_H-M   'C 1 2 1'
#
loop_
_entity.id
_entity.type
_entity.pdbx_description
1 polymer 'B-cell receptor CD22'
2 branched alpha-D-mannopyranose-(1-3)-[alpha-D-mannopyranose-(1-6)]beta-D-mannopyranose-(1-4)-2-acetamido-2-deoxy-beta-D-glucopyranose-(1-4)-2-acetamido-2-deoxy-beta-D-glucopyranose
3 branched 'N-acetyl-alpha-neuraminic acid-(2-6)-beta-D-galactopyranose'
4 non-polymer GLYCEROL
5 water water
#
_entity_poly.entity_id   1
_entity_poly.type   'polypeptide(L)'
_entity_poly.pdbx_seq_one_letter_code
;ETGDSSKWVFEHPETLYAWEGACVWIPCTYRALDGDLESFILFHNPEYNKATSKFDGTRLYESTKDGKVPSEQKRVQFLG
DKNKNCTLSIHPVHLADSGQLGLRMESKTEKWMERIHLAVSERPFPPHIQLPPEIQESQEVTLTCLLAFSCYGYPIQLQW
LLEGVPMRQAAVTSTSLTIKSVFTRSELKFSPQWSHHGKIVTCQLQDADGKFLSADTVQLNVKHTPKLEIKVTPSDAIVR
EGDSVTMTCEVSSSNPEYTTVSWLKDGTSLKKQNTFTLNLREVTKDQSGKYCCQVSNDVGPGRSEEVFLQVQYAGGTKHH
HHHH
;
_entity_poly.pdbx_strand_id   A
#
loop_
_chem_comp.id
_chem_comp.type
_chem_comp.name
_chem_comp.formula
BMA D-saccharide, beta linking beta-D-mannopyranose 'C6 H12 O6'
GAL D-saccharide, beta linking beta-D-galactopyranose 'C6 H12 O6'
GOL non-polymer GLYCEROL 'C3 H8 O3'
MAN D-saccharide, alpha linking alpha-D-mannopyranose 'C6 H12 O6'
NAG D-saccharide, beta linking 2-acetamido-2-deoxy-beta-D-glucopyranose 'C8 H15 N O6'
SIA D-saccharide, alpha linking 'N-acetyl-alpha-neuraminic acid' 'C11 H19 N O9'
#
# COMPACT_ATOMS: atom_id res chain seq x y z
N LYS A 7 -31.51 -14.20 -21.84
CA LYS A 7 -30.40 -14.31 -20.89
C LYS A 7 -29.06 -14.24 -21.61
N TRP A 8 -28.44 -13.06 -21.57
CA TRP A 8 -27.10 -12.84 -22.09
C TRP A 8 -26.14 -12.72 -20.92
N VAL A 9 -25.11 -13.57 -20.91
CA VAL A 9 -24.14 -13.62 -19.82
C VAL A 9 -22.84 -12.97 -20.30
N PHE A 10 -22.40 -11.93 -19.58
CA PHE A 10 -21.17 -11.23 -19.88
C PHE A 10 -20.22 -11.30 -18.69
N GLU A 11 -18.92 -11.31 -18.99
CA GLU A 11 -17.89 -11.33 -17.96
C GLU A 11 -16.80 -10.34 -18.34
N HIS A 12 -16.75 -9.21 -17.63
CA HIS A 12 -15.77 -8.17 -17.89
C HIS A 12 -15.55 -7.39 -16.59
N PRO A 13 -14.45 -6.64 -16.48
CA PRO A 13 -14.15 -5.97 -15.21
C PRO A 13 -15.18 -4.94 -14.76
N GLU A 14 -16.16 -4.59 -15.61
CA GLU A 14 -17.32 -3.79 -15.25
C GLU A 14 -16.99 -2.32 -15.01
N THR A 15 -15.72 -2.01 -14.69
CA THR A 15 -15.28 -0.62 -14.59
C THR A 15 -13.78 -0.59 -14.80
N LEU A 16 -13.33 0.15 -15.81
CA LEU A 16 -11.91 0.25 -16.12
C LEU A 16 -11.44 1.69 -15.97
N TYR A 17 -10.20 1.84 -15.51
CA TYR A 17 -9.62 3.13 -15.22
C TYR A 17 -8.37 3.35 -16.07
N ALA A 18 -8.16 4.60 -16.44
CA ALA A 18 -6.99 5.00 -17.22
C ALA A 18 -6.86 6.52 -17.11
N TRP A 19 -5.86 7.07 -17.77
CA TRP A 19 -5.66 8.50 -17.80
C TRP A 19 -5.28 8.91 -19.21
N GLU A 20 -5.39 10.22 -19.47
CA GLU A 20 -5.14 10.77 -20.79
C GLU A 20 -3.76 10.38 -21.30
N GLY A 21 -3.71 9.82 -22.50
CA GLY A 21 -2.46 9.45 -23.13
C GLY A 21 -2.05 8.00 -22.94
N ALA A 22 -2.62 7.31 -21.97
CA ALA A 22 -2.35 5.90 -21.78
C ALA A 22 -3.29 5.08 -22.67
N CYS A 23 -3.41 3.78 -22.38
CA CYS A 23 -4.32 2.92 -23.12
C CYS A 23 -5.17 2.12 -22.14
N VAL A 24 -6.22 1.50 -22.65
CA VAL A 24 -7.04 0.59 -21.87
C VAL A 24 -7.18 -0.71 -22.64
N TRP A 25 -7.07 -1.83 -21.94
CA TRP A 25 -7.33 -3.15 -22.48
C TRP A 25 -8.44 -3.79 -21.66
N ILE A 26 -9.51 -4.21 -22.33
CA ILE A 26 -10.72 -4.68 -21.67
C ILE A 26 -10.92 -6.15 -22.01
N PRO A 27 -10.48 -7.07 -21.14
CA PRO A 27 -10.82 -8.48 -21.33
C PRO A 27 -12.32 -8.69 -21.17
N CYS A 28 -12.89 -9.49 -22.06
CA CYS A 28 -14.35 -9.62 -22.09
C CYS A 28 -14.71 -10.94 -22.76
N THR A 29 -15.50 -11.76 -22.06
CA THR A 29 -16.11 -12.94 -22.63
C THR A 29 -17.62 -12.85 -22.45
N TYR A 30 -18.34 -13.61 -23.27
CA TYR A 30 -19.80 -13.58 -23.21
C TYR A 30 -20.36 -14.88 -23.76
N ARG A 31 -21.64 -15.13 -23.44
CA ARG A 31 -22.38 -16.26 -23.97
C ARG A 31 -23.76 -15.77 -24.39
N ALA A 32 -24.06 -15.92 -25.67
CA ALA A 32 -25.39 -15.65 -26.20
C ALA A 32 -26.08 -17.00 -26.40
N LEU A 33 -27.12 -17.26 -25.60
CA LEU A 33 -27.85 -18.51 -25.74
C LEU A 33 -28.43 -18.68 -27.13
N ASP A 34 -28.74 -17.56 -27.79
CA ASP A 34 -29.21 -17.61 -29.18
C ASP A 34 -28.15 -18.17 -30.11
N GLY A 35 -26.87 -17.99 -29.76
CA GLY A 35 -25.79 -18.52 -30.56
C GLY A 35 -24.84 -17.47 -31.08
N ASP A 36 -24.55 -17.52 -32.38
CA ASP A 36 -23.56 -16.65 -32.98
C ASP A 36 -24.14 -15.27 -33.27
N LEU A 37 -23.28 -14.26 -33.19
CA LEU A 37 -23.68 -12.89 -33.46
C LEU A 37 -23.81 -12.66 -34.95
N GLU A 38 -24.54 -11.59 -35.29
CA GLU A 38 -24.69 -11.16 -36.68
C GLU A 38 -24.25 -9.73 -36.90
N SER A 39 -24.14 -8.91 -35.86
CA SER A 39 -23.63 -7.56 -35.98
C SER A 39 -23.13 -7.10 -34.62
N PHE A 40 -22.11 -6.26 -34.63
CA PHE A 40 -21.56 -5.69 -33.41
C PHE A 40 -21.28 -4.21 -33.62
N ILE A 41 -21.77 -3.39 -32.70
CA ILE A 41 -21.50 -1.96 -32.69
C ILE A 41 -21.06 -1.57 -31.29
N LEU A 42 -19.94 -0.85 -31.21
CA LEU A 42 -19.46 -0.31 -29.94
C LEU A 42 -19.78 1.18 -29.90
N PHE A 43 -20.72 1.55 -29.04
CA PHE A 43 -21.10 2.94 -28.84
C PHE A 43 -20.24 3.57 -27.74
N HIS A 44 -20.18 4.90 -27.77
CA HIS A 44 -19.71 5.69 -26.63
C HIS A 44 -20.86 6.56 -26.16
N ASN A 45 -21.23 6.42 -24.89
CA ASN A 45 -22.42 7.05 -24.33
C ASN A 45 -23.64 6.84 -25.23
N PRO A 46 -24.06 5.59 -25.42
CA PRO A 46 -25.25 5.34 -26.26
C PRO A 46 -26.51 5.89 -25.63
N GLU A 47 -27.32 6.54 -26.45
CA GLU A 47 -28.63 7.05 -26.05
C GLU A 47 -29.71 6.25 -26.75
N TYR A 48 -30.80 5.97 -26.04
CA TYR A 48 -31.88 5.15 -26.57
C TYR A 48 -32.99 6.06 -27.11
N ASN A 49 -33.46 5.76 -28.31
CA ASN A 49 -34.52 6.51 -28.97
C ASN A 49 -35.80 5.70 -28.84
N LYS A 50 -36.68 6.10 -27.91
CA LYS A 50 -37.92 5.36 -27.68
C LYS A 50 -38.79 5.34 -28.92
N ALA A 51 -38.75 6.41 -29.73
CA ALA A 51 -39.59 6.49 -30.91
C ALA A 51 -39.18 5.45 -31.95
N THR A 52 -37.89 5.37 -32.26
CA THR A 52 -37.40 4.45 -33.28
C THR A 52 -36.94 3.12 -32.69
N SER A 53 -36.89 2.99 -31.36
CA SER A 53 -36.47 1.76 -30.68
C SER A 53 -35.06 1.34 -31.08
N LYS A 54 -34.21 2.30 -31.40
CA LYS A 54 -32.82 2.06 -31.72
C LYS A 54 -31.93 2.91 -30.81
N PHE A 55 -30.64 2.56 -30.78
CA PHE A 55 -29.66 3.28 -29.98
C PHE A 55 -28.95 4.32 -30.82
N ASP A 56 -29.02 5.57 -30.40
CA ASP A 56 -28.29 6.66 -31.01
C ASP A 56 -26.99 6.90 -30.25
N GLY A 57 -26.06 7.60 -30.90
CA GLY A 57 -24.83 8.02 -30.28
C GLY A 57 -23.62 7.68 -31.12
N THR A 58 -22.46 8.11 -30.61
CA THR A 58 -21.20 7.91 -31.32
C THR A 58 -20.87 6.43 -31.45
N ARG A 59 -20.52 6.02 -32.66
CA ARG A 59 -20.06 4.66 -32.92
C ARG A 59 -18.54 4.68 -32.99
N LEU A 60 -17.90 3.85 -32.15
CA LEU A 60 -16.46 3.71 -32.16
C LEU A 60 -15.98 2.53 -33.00
N TYR A 61 -16.83 1.52 -33.19
CA TYR A 61 -16.49 0.36 -33.99
C TYR A 61 -17.75 -0.23 -34.58
N GLU A 62 -17.68 -0.63 -35.84
CA GLU A 62 -18.77 -1.33 -36.52
C GLU A 62 -18.19 -2.56 -37.21
N SER A 63 -18.80 -3.72 -36.97
CA SER A 63 -18.32 -4.94 -37.60
C SER A 63 -18.46 -4.88 -39.12
N THR A 64 -19.46 -4.15 -39.61
CA THR A 64 -19.69 -4.05 -41.05
C THR A 64 -18.68 -3.12 -41.72
N LYS A 65 -18.32 -2.02 -41.05
CA LYS A 65 -17.47 -1.00 -41.64
C LYS A 65 -16.02 -1.12 -41.19
N ASP A 66 -15.77 -1.29 -39.90
CA ASP A 66 -14.42 -1.27 -39.35
C ASP A 66 -13.78 -2.66 -39.28
N GLY A 67 -14.48 -3.71 -39.67
CA GLY A 67 -13.94 -5.04 -39.64
C GLY A 67 -13.56 -5.57 -41.01
N PRO A 70 -9.60 -4.43 -42.09
CA PRO A 70 -9.07 -3.31 -41.30
C PRO A 70 -7.63 -2.96 -41.69
N SER A 71 -7.02 -2.04 -40.96
CA SER A 71 -5.68 -1.55 -41.28
C SER A 71 -4.67 -1.74 -40.16
N GLU A 72 -5.09 -2.26 -39.00
CA GLU A 72 -4.22 -2.55 -37.86
C GLU A 72 -3.69 -1.26 -37.22
N GLN A 73 -3.87 -0.13 -37.88
CA GLN A 73 -3.50 1.18 -37.32
C GLN A 73 -4.78 1.96 -37.04
N LYS A 74 -5.47 1.56 -35.97
CA LYS A 74 -6.78 2.08 -35.61
C LYS A 74 -6.82 2.25 -34.10
N ARG A 75 -7.32 3.40 -33.63
CA ARG A 75 -7.26 3.69 -32.20
C ARG A 75 -8.12 2.73 -31.39
N VAL A 76 -9.33 2.44 -31.85
CA VAL A 76 -10.26 1.53 -31.19
C VAL A 76 -10.28 0.24 -31.99
N GLN A 77 -9.97 -0.87 -31.32
CA GLN A 77 -9.92 -2.19 -31.95
C GLN A 77 -10.80 -3.16 -31.18
N PHE A 78 -11.62 -3.91 -31.92
CA PHE A 78 -12.39 -5.02 -31.39
C PHE A 78 -11.61 -6.30 -31.63
N LEU A 79 -11.28 -7.01 -30.56
CA LEU A 79 -10.42 -8.18 -30.65
C LEU A 79 -11.17 -9.48 -30.41
N GLY A 80 -12.47 -9.42 -30.18
CA GLY A 80 -13.28 -10.60 -29.96
C GLY A 80 -13.74 -11.25 -31.26
N ASP A 81 -14.80 -12.04 -31.14
CA ASP A 81 -15.38 -12.72 -32.29
C ASP A 81 -16.88 -12.83 -32.08
N LYS A 82 -17.55 -13.51 -33.02
CA LYS A 82 -19.00 -13.66 -32.97
C LYS A 82 -19.44 -14.78 -32.03
N ASN A 83 -18.56 -15.23 -31.14
CA ASN A 83 -18.84 -16.42 -30.33
C ASN A 83 -18.82 -16.11 -28.84
N LYS A 84 -17.63 -16.08 -28.23
CA LYS A 84 -17.51 -16.02 -26.78
C LYS A 84 -16.53 -14.96 -26.30
N ASN A 85 -16.12 -14.02 -27.15
CA ASN A 85 -15.04 -13.10 -26.84
C ASN A 85 -15.46 -11.70 -27.29
N CYS A 86 -15.36 -10.74 -26.37
CA CYS A 86 -15.73 -9.34 -26.64
C CYS A 86 -14.62 -8.38 -26.23
N THR A 87 -13.37 -8.84 -26.29
CA THR A 87 -12.25 -8.04 -25.81
C THR A 87 -12.05 -6.78 -26.65
N LEU A 88 -11.85 -5.65 -25.98
CA LEU A 88 -11.67 -4.35 -26.63
C LEU A 88 -10.31 -3.76 -26.29
N SER A 89 -9.84 -2.88 -27.16
CA SER A 89 -8.57 -2.18 -26.97
C SER A 89 -8.70 -0.75 -27.48
N ILE A 90 -8.31 0.22 -26.66
CA ILE A 90 -8.28 1.64 -27.03
C ILE A 90 -6.89 2.15 -26.73
N HIS A 91 -6.10 2.40 -27.77
CA HIS A 91 -4.72 2.82 -27.61
C HIS A 91 -4.38 3.87 -28.65
N PRO A 92 -4.20 5.15 -28.27
CA PRO A 92 -4.32 5.64 -26.90
C PRO A 92 -5.75 5.93 -26.47
N VAL A 93 -5.98 6.03 -25.16
CA VAL A 93 -7.28 6.42 -24.62
C VAL A 93 -7.24 7.91 -24.31
N HIS A 94 -8.38 8.57 -24.46
CA HIS A 94 -8.49 10.00 -24.23
C HIS A 94 -9.55 10.29 -23.19
N LEU A 95 -9.47 11.50 -22.63
CA LEU A 95 -10.47 11.96 -21.68
C LEU A 95 -11.87 11.96 -22.30
N ALA A 96 -11.95 12.20 -23.62
CA ALA A 96 -13.24 12.17 -24.30
C ALA A 96 -13.82 10.77 -24.41
N ASP A 97 -13.01 9.73 -24.22
CA ASP A 97 -13.51 8.37 -24.18
C ASP A 97 -14.21 8.04 -22.88
N SER A 98 -14.08 8.88 -21.86
CA SER A 98 -14.62 8.59 -20.54
C SER A 98 -16.15 8.56 -20.60
N GLY A 99 -16.73 7.57 -19.94
CA GLY A 99 -18.18 7.41 -19.96
C GLY A 99 -18.61 5.98 -20.13
N GLN A 100 -19.61 5.74 -20.98
CA GLN A 100 -20.21 4.43 -21.16
C GLN A 100 -19.76 3.84 -22.49
N LEU A 101 -19.13 2.66 -22.45
CA LEU A 101 -18.85 1.89 -23.64
C LEU A 101 -20.02 0.93 -23.84
N GLY A 102 -20.78 1.13 -24.92
CA GLY A 102 -21.96 0.33 -25.15
C GLY A 102 -21.77 -0.72 -26.22
N LEU A 103 -21.67 -1.98 -25.81
CA LEU A 103 -21.47 -3.09 -26.73
C LEU A 103 -22.84 -3.51 -27.28
N ARG A 104 -23.22 -2.92 -28.40
CA ARG A 104 -24.50 -3.23 -29.06
C ARG A 104 -24.35 -4.51 -29.85
N MET A 105 -24.92 -5.60 -29.34
CA MET A 105 -24.85 -6.90 -29.98
C MET A 105 -26.23 -7.34 -30.45
N GLU A 106 -26.25 -8.06 -31.56
CA GLU A 106 -27.48 -8.61 -32.12
C GLU A 106 -27.23 -10.06 -32.54
N SER A 107 -27.96 -10.98 -31.94
CA SER A 107 -27.95 -12.36 -32.38
C SER A 107 -29.08 -12.55 -33.38
N LYS A 108 -29.34 -13.78 -33.81
CA LYS A 108 -30.29 -14.00 -34.89
C LYS A 108 -31.71 -13.60 -34.49
N THR A 109 -32.10 -13.90 -33.25
CA THR A 109 -33.45 -13.57 -32.79
C THR A 109 -33.49 -12.57 -31.64
N GLU A 110 -32.35 -12.03 -31.22
CA GLU A 110 -32.38 -11.08 -30.11
C GLU A 110 -31.16 -10.16 -30.18
N LYS A 111 -31.33 -8.97 -29.59
CA LYS A 111 -30.31 -7.95 -29.54
C LYS A 111 -30.07 -7.54 -28.09
N TRP A 112 -28.81 -7.23 -27.77
CA TRP A 112 -28.42 -6.91 -26.40
C TRP A 112 -27.47 -5.72 -26.40
N MET A 113 -27.59 -4.89 -25.36
CA MET A 113 -26.68 -3.79 -25.12
C MET A 113 -25.99 -4.02 -23.78
N GLU A 114 -24.67 -4.19 -23.81
CA GLU A 114 -23.87 -4.40 -22.61
C GLU A 114 -23.00 -3.17 -22.39
N ARG A 115 -23.17 -2.50 -21.25
CA ARG A 115 -22.48 -1.26 -20.95
C ARG A 115 -21.29 -1.53 -20.05
N ILE A 116 -20.14 -0.95 -20.40
CA ILE A 116 -18.92 -1.03 -19.59
C ILE A 116 -18.47 0.39 -19.32
N HIS A 117 -18.30 0.72 -18.04
CA HIS A 117 -17.93 2.08 -17.68
C HIS A 117 -16.42 2.25 -17.82
N LEU A 118 -16.02 3.35 -18.47
CA LEU A 118 -14.62 3.71 -18.63
C LEU A 118 -14.39 5.06 -17.97
N ALA A 119 -13.50 5.08 -16.98
CA ALA A 119 -13.18 6.30 -16.24
C ALA A 119 -11.75 6.71 -16.59
N VAL A 120 -11.62 7.84 -17.28
CA VAL A 120 -10.33 8.35 -17.72
C VAL A 120 -10.11 9.70 -17.05
N SER A 121 -9.02 9.81 -16.29
CA SER A 121 -8.66 11.06 -15.64
C SER A 121 -7.69 11.85 -16.53
N GLU A 122 -7.71 13.18 -16.35
CA GLU A 122 -6.88 14.04 -17.18
C GLU A 122 -5.39 13.80 -16.92
N ARG A 123 -5.02 13.51 -15.68
CA ARG A 123 -3.66 13.18 -15.29
C ARG A 123 -3.64 11.80 -14.66
N PRO A 124 -2.46 11.18 -14.55
CA PRO A 124 -2.39 9.87 -13.89
C PRO A 124 -2.88 9.96 -12.45
N PHE A 125 -3.72 9.00 -12.07
CA PHE A 125 -4.20 8.98 -10.70
C PHE A 125 -3.22 8.23 -9.80
N PRO A 126 -3.22 8.51 -8.50
CA PRO A 126 -2.20 7.94 -7.62
C PRO A 126 -2.49 6.48 -7.33
N PRO A 127 -1.45 5.69 -7.00
CA PRO A 127 -1.70 4.33 -6.53
C PRO A 127 -2.22 4.34 -5.08
N HIS A 128 -2.38 3.17 -4.49
CA HIS A 128 -2.92 3.07 -3.13
C HIS A 128 -2.07 2.09 -2.33
N ILE A 129 -1.49 2.57 -1.25
CA ILE A 129 -0.71 1.72 -0.35
C ILE A 129 -1.63 1.11 0.68
N GLN A 130 -1.58 -0.22 0.82
CA GLN A 130 -2.32 -0.94 1.85
C GLN A 130 -1.35 -1.61 2.79
N LEU A 131 -1.54 -1.42 4.09
CA LEU A 131 -0.65 -2.00 5.09
C LEU A 131 -1.47 -2.47 6.27
N PRO A 132 -0.98 -3.46 7.01
CA PRO A 132 -1.77 -4.03 8.11
C PRO A 132 -2.02 -2.99 9.17
N PRO A 133 -3.11 -3.15 9.95
CA PRO A 133 -3.45 -2.12 10.95
C PRO A 133 -2.46 -2.03 12.09
N GLU A 134 -1.72 -3.10 12.38
CA GLU A 134 -0.76 -3.11 13.48
C GLU A 134 0.59 -3.59 12.96
N ILE A 135 1.57 -2.70 12.95
CA ILE A 135 2.93 -3.00 12.51
C ILE A 135 3.84 -2.96 13.74
N GLN A 136 4.61 -4.02 13.94
CA GLN A 136 5.43 -4.19 15.12
C GLN A 136 6.91 -4.26 14.73
N GLU A 137 7.77 -3.82 15.64
CA GLU A 137 9.21 -3.88 15.38
C GLU A 137 9.67 -5.32 15.22
N SER A 138 10.58 -5.54 14.28
CA SER A 138 11.29 -6.81 14.10
C SER A 138 10.36 -7.95 13.67
N GLN A 139 9.26 -7.64 13.00
CA GLN A 139 8.42 -8.67 12.41
C GLN A 139 8.24 -8.37 10.93
N GLU A 140 8.44 -9.39 10.08
CA GLU A 140 8.36 -9.19 8.64
C GLU A 140 6.94 -8.83 8.25
N VAL A 141 6.78 -7.66 7.64
CA VAL A 141 5.48 -7.18 7.16
C VAL A 141 5.60 -6.88 5.67
N THR A 142 4.54 -7.19 4.93
CA THR A 142 4.48 -6.91 3.50
C THR A 142 3.68 -5.62 3.29
N LEU A 143 4.33 -4.62 2.71
CA LEU A 143 3.64 -3.43 2.24
C LEU A 143 3.14 -3.69 0.82
N THR A 144 1.90 -3.29 0.56
CA THR A 144 1.27 -3.52 -0.73
C THR A 144 0.92 -2.18 -1.37
N CYS A 145 1.36 -1.98 -2.60
CA CYS A 145 0.97 -0.84 -3.41
C CYS A 145 0.11 -1.32 -4.56
N LEU A 146 -1.07 -0.72 -4.72
CA LEU A 146 -2.05 -1.20 -5.67
C LEU A 146 -2.45 -0.05 -6.59
N LEU A 147 -2.32 -0.25 -7.89
CA LEU A 147 -2.81 0.68 -8.89
C LEU A 147 -3.87 -0.02 -9.73
N ALA A 148 -5.06 0.59 -9.82
CA ALA A 148 -6.17 0.01 -10.57
C ALA A 148 -6.04 0.33 -12.08
N PHE A 149 -4.96 -0.18 -12.66
CA PHE A 149 -4.67 0.06 -14.06
C PHE A 149 -3.61 -0.94 -14.52
N SER A 150 -3.78 -1.42 -15.75
CA SER A 150 -2.77 -2.23 -16.43
C SER A 150 -3.17 -2.34 -17.89
N CYS A 151 -2.31 -1.83 -18.78
CA CYS A 151 -2.57 -1.92 -20.22
C CYS A 151 -1.28 -2.26 -20.94
N TYR A 152 -1.39 -3.13 -21.93
CA TYR A 152 -0.22 -3.64 -22.62
C TYR A 152 0.57 -2.53 -23.29
N GLY A 153 -0.14 -1.65 -24.00
CA GLY A 153 0.51 -0.59 -24.74
C GLY A 153 1.24 0.41 -23.87
N TYR A 154 0.99 0.41 -22.57
CA TYR A 154 1.54 1.42 -21.66
C TYR A 154 2.14 0.73 -20.43
N PRO A 155 3.37 0.24 -20.54
CA PRO A 155 4.03 -0.37 -19.37
C PRO A 155 4.36 0.68 -18.32
N ILE A 156 4.24 0.29 -17.05
CA ILE A 156 4.48 1.17 -15.92
C ILE A 156 5.31 0.43 -14.87
N GLN A 157 5.78 1.18 -13.87
CA GLN A 157 6.55 0.66 -12.76
C GLN A 157 6.03 1.25 -11.45
N LEU A 158 6.16 0.48 -10.39
CA LEU A 158 5.87 0.93 -9.04
C LEU A 158 7.17 0.95 -8.24
N GLN A 159 7.50 2.10 -7.67
CA GLN A 159 8.77 2.33 -7.00
C GLN A 159 8.53 2.68 -5.54
N TRP A 160 9.16 1.96 -4.63
CA TRP A 160 9.04 2.22 -3.20
C TRP A 160 10.14 3.18 -2.74
N LEU A 161 9.75 4.13 -1.90
CA LEU A 161 10.66 5.12 -1.33
C LEU A 161 10.46 5.19 0.17
N LEU A 162 11.58 5.36 0.90
CA LEU A 162 11.55 5.58 2.34
C LEU A 162 12.24 6.91 2.61
N GLU A 163 11.47 7.89 3.08
CA GLU A 163 11.97 9.24 3.34
C GLU A 163 12.62 9.82 2.08
N GLY A 164 12.03 9.52 0.93
CA GLY A 164 12.51 10.03 -0.34
C GLY A 164 13.64 9.25 -0.97
N VAL A 165 14.10 8.18 -0.35
CA VAL A 165 15.23 7.38 -0.84
C VAL A 165 14.68 6.07 -1.34
N PRO A 166 15.13 5.58 -2.51
CA PRO A 166 14.71 4.25 -2.96
C PRO A 166 15.04 3.19 -1.92
N MET A 167 14.07 2.34 -1.62
CA MET A 167 14.23 1.34 -0.57
C MET A 167 15.13 0.19 -1.05
N ARG A 168 15.93 -0.33 -0.13
CA ARG A 168 16.89 -1.37 -0.48
C ARG A 168 16.19 -2.67 -0.83
N GLN A 169 15.19 -3.05 -0.04
CA GLN A 169 14.54 -4.35 -0.18
C GLN A 169 13.96 -4.53 -1.58
N ALA A 170 14.10 -5.73 -2.11
CA ALA A 170 13.49 -6.06 -3.38
C ALA A 170 11.98 -6.10 -3.25
N ALA A 171 11.29 -5.49 -4.19
CA ALA A 171 9.84 -5.53 -4.27
C ALA A 171 9.43 -6.32 -5.51
N VAL A 172 8.33 -7.05 -5.39
CA VAL A 172 7.86 -7.95 -6.43
C VAL A 172 6.60 -7.37 -7.05
N THR A 173 6.67 -7.04 -8.34
CA THR A 173 5.52 -6.53 -9.08
C THR A 173 4.76 -7.69 -9.72
N SER A 174 3.44 -7.60 -9.70
CA SER A 174 2.57 -8.53 -10.41
C SER A 174 1.41 -7.75 -10.99
N THR A 175 0.96 -8.18 -12.17
CA THR A 175 -0.16 -7.54 -12.85
C THR A 175 -1.26 -8.56 -13.10
N SER A 176 -2.49 -8.17 -12.81
CA SER A 176 -3.68 -8.91 -13.22
C SER A 176 -4.40 -8.13 -14.30
N LEU A 177 -4.85 -8.83 -15.32
CA LEU A 177 -5.53 -8.24 -16.47
C LEU A 177 -6.50 -9.30 -16.99
N THR A 178 -7.55 -9.55 -16.20
CA THR A 178 -8.47 -10.64 -16.44
C THR A 178 -9.89 -10.10 -16.59
N ILE A 179 -10.79 -11.02 -16.95
CA ILE A 179 -12.21 -10.70 -16.97
C ILE A 179 -12.67 -10.25 -15.60
N LYS A 180 -11.99 -10.69 -14.53
CA LYS A 180 -12.39 -10.41 -13.17
C LYS A 180 -11.79 -9.11 -12.65
N SER A 181 -10.50 -8.88 -12.88
CA SER A 181 -9.84 -7.74 -12.27
C SER A 181 -8.69 -7.24 -13.15
N VAL A 182 -8.47 -5.93 -13.09
CA VAL A 182 -7.36 -5.27 -13.76
C VAL A 182 -6.63 -4.43 -12.72
N PHE A 183 -5.35 -4.71 -12.51
CA PHE A 183 -4.54 -3.90 -11.59
C PHE A 183 -3.06 -4.19 -11.80
N THR A 184 -2.23 -3.32 -11.21
CA THR A 184 -0.79 -3.53 -11.08
C THR A 184 -0.44 -3.44 -9.60
N ARG A 185 0.24 -4.45 -9.09
CA ARG A 185 0.52 -4.54 -7.67
C ARG A 185 2.03 -4.67 -7.44
N SER A 186 2.48 -4.10 -6.32
CA SER A 186 3.86 -4.24 -5.87
C SER A 186 3.85 -4.55 -4.39
N GLU A 187 4.52 -5.64 -4.00
CA GLU A 187 4.62 -6.04 -2.61
C GLU A 187 6.07 -5.96 -2.16
N LEU A 188 6.31 -5.22 -1.08
CA LEU A 188 7.64 -5.07 -0.51
C LEU A 188 7.68 -5.73 0.85
N LYS A 189 8.54 -6.74 1.00
CA LYS A 189 8.74 -7.40 2.28
C LYS A 189 9.94 -6.76 2.99
N PHE A 190 9.73 -6.35 4.23
CA PHE A 190 10.82 -5.81 5.04
C PHE A 190 10.40 -5.90 6.50
N SER A 191 11.40 -5.99 7.38
CA SER A 191 11.13 -6.03 8.81
C SER A 191 11.38 -4.65 9.39
N PRO A 192 10.36 -3.95 9.86
CA PRO A 192 10.58 -2.60 10.38
C PRO A 192 11.21 -2.62 11.76
N GLN A 193 12.03 -1.61 12.01
CA GLN A 193 12.59 -1.35 13.32
C GLN A 193 11.86 -0.20 13.98
N TRP A 194 12.17 0.04 15.25
CA TRP A 194 11.56 1.14 15.97
C TRP A 194 11.84 2.47 15.27
N SER A 195 12.97 2.57 14.57
CA SER A 195 13.33 3.82 13.90
C SER A 195 12.43 4.11 12.72
N HIS A 196 11.86 3.08 12.09
CA HIS A 196 10.90 3.28 11.02
C HIS A 196 9.62 3.99 11.47
N HIS A 197 9.37 4.05 12.78
CA HIS A 197 8.17 4.73 13.27
C HIS A 197 8.20 6.21 12.91
N GLY A 198 7.06 6.72 12.47
CA GLY A 198 6.94 8.11 12.07
C GLY A 198 7.51 8.44 10.70
N LYS A 199 8.25 7.53 10.08
CA LYS A 199 8.81 7.78 8.77
C LYS A 199 7.73 7.64 7.69
N ILE A 200 7.99 8.25 6.54
CA ILE A 200 7.06 8.23 5.43
C ILE A 200 7.54 7.24 4.38
N VAL A 201 6.60 6.44 3.87
CA VAL A 201 6.86 5.53 2.77
C VAL A 201 6.06 6.03 1.56
N THR A 202 6.71 6.07 0.41
CA THR A 202 6.09 6.52 -0.83
C THR A 202 6.07 5.39 -1.84
N CYS A 203 4.93 5.19 -2.50
CA CYS A 203 4.84 4.36 -3.68
C CYS A 203 4.70 5.28 -4.88
N GLN A 204 5.72 5.31 -5.73
CA GLN A 204 5.75 6.16 -6.92
C GLN A 204 5.31 5.37 -8.13
N LEU A 205 4.41 5.96 -8.92
CA LEU A 205 4.06 5.41 -10.23
C LEU A 205 4.91 6.10 -11.29
N GLN A 206 5.61 5.31 -12.08
CA GLN A 206 6.46 5.81 -13.15
C GLN A 206 6.14 5.09 -14.45
N ASP A 207 6.38 5.76 -15.57
CA ASP A 207 6.22 5.08 -16.85
C ASP A 207 7.41 4.15 -17.08
N ALA A 208 7.46 3.54 -18.28
CA ALA A 208 8.50 2.57 -18.56
C ALA A 208 9.90 3.19 -18.52
N ASP A 209 10.00 4.51 -18.69
CA ASP A 209 11.29 5.19 -18.72
C ASP A 209 11.63 5.88 -17.42
N GLY A 210 10.86 5.65 -16.36
CA GLY A 210 11.15 6.25 -15.07
C GLY A 210 10.60 7.65 -14.88
N LYS A 211 9.84 8.17 -15.83
CA LYS A 211 9.23 9.49 -15.66
C LYS A 211 8.20 9.42 -14.54
N PHE A 212 8.26 10.39 -13.62
CA PHE A 212 7.30 10.41 -12.52
C PHE A 212 5.89 10.66 -13.05
N LEU A 213 4.94 9.87 -12.58
CA LEU A 213 3.54 10.05 -12.94
C LEU A 213 2.67 10.41 -11.75
N SER A 214 2.68 9.60 -10.70
CA SER A 214 1.88 9.86 -9.51
C SER A 214 2.51 9.14 -8.33
N ALA A 215 1.93 9.35 -7.15
CA ALA A 215 2.48 8.77 -5.94
C ALA A 215 1.47 8.81 -4.81
N ASP A 216 1.58 7.83 -3.91
CA ASP A 216 0.83 7.79 -2.67
C ASP A 216 1.83 7.69 -1.51
N THR A 217 1.48 8.32 -0.38
CA THR A 217 2.37 8.42 0.76
C THR A 217 1.65 8.05 2.04
N VAL A 218 2.32 7.28 2.90
CA VAL A 218 1.83 6.94 4.23
C VAL A 218 2.95 7.18 5.23
N GLN A 219 2.58 7.57 6.44
CA GLN A 219 3.51 7.69 7.55
C GLN A 219 3.41 6.42 8.39
N LEU A 220 4.54 5.73 8.55
CA LEU A 220 4.52 4.45 9.24
C LEU A 220 4.20 4.62 10.71
N ASN A 221 3.47 3.65 11.26
CA ASN A 221 3.15 3.58 12.69
C ASN A 221 3.65 2.23 13.17
N VAL A 222 4.82 2.21 13.79
CA VAL A 222 5.50 0.98 14.17
C VAL A 222 5.49 0.86 15.68
N LYS A 223 4.83 -0.18 16.19
CA LYS A 223 4.83 -0.45 17.62
C LYS A 223 6.20 -0.96 18.05
N HIS A 224 6.66 -0.50 19.19
CA HIS A 224 7.95 -0.93 19.72
C HIS A 224 7.98 -0.79 21.22
N THR A 225 8.70 -1.71 21.87
CA THR A 225 8.95 -1.65 23.30
C THR A 225 9.68 -0.36 23.65
N PRO A 226 9.55 0.11 24.89
CA PRO A 226 10.19 1.38 25.27
C PRO A 226 11.70 1.32 25.09
N LYS A 227 12.25 2.40 24.53
CA LYS A 227 13.68 2.61 24.40
C LYS A 227 14.12 3.62 25.44
N LEU A 228 15.13 3.27 26.23
CA LEU A 228 15.41 3.97 27.47
C LEU A 228 16.83 4.54 27.50
N GLU A 229 16.97 5.69 28.16
CA GLU A 229 18.26 6.30 28.45
C GLU A 229 18.36 6.48 29.97
N ILE A 230 19.36 5.85 30.58
CA ILE A 230 19.56 5.95 32.02
C ILE A 230 20.62 7.00 32.30
N LYS A 231 20.38 7.83 33.30
CA LYS A 231 21.34 8.82 33.74
C LYS A 231 21.59 8.66 35.24
N VAL A 232 22.83 8.93 35.66
CA VAL A 232 23.25 8.74 37.03
C VAL A 232 23.87 10.02 37.55
N THR A 233 23.60 10.35 38.82
CA THR A 233 24.25 11.45 39.52
C THR A 233 24.84 10.88 40.80
N PRO A 234 26.15 11.02 41.04
CA PRO A 234 27.11 11.73 40.19
C PRO A 234 27.40 11.03 38.86
N SER A 235 27.84 11.81 37.87
CA SER A 235 27.95 11.30 36.51
C SER A 235 28.98 10.17 36.40
N ASP A 236 30.03 10.21 37.22
CA ASP A 236 31.06 9.18 37.14
C ASP A 236 30.65 7.89 37.85
N ALA A 237 29.51 7.88 38.55
CA ALA A 237 28.99 6.69 39.24
C ALA A 237 30.00 6.11 40.22
N ILE A 238 30.82 6.96 40.83
CA ILE A 238 31.80 6.57 41.83
C ILE A 238 31.56 7.41 43.08
N VAL A 239 31.21 6.75 44.18
CA VAL A 239 30.88 7.42 45.43
C VAL A 239 31.57 6.72 46.58
N ARG A 240 31.73 7.45 47.68
CA ARG A 240 32.21 6.88 48.91
C ARG A 240 31.03 6.45 49.77
N GLU A 241 31.27 5.51 50.68
CA GLU A 241 30.21 5.01 51.54
C GLU A 241 29.60 6.16 52.34
N GLY A 242 28.27 6.22 52.35
CA GLY A 242 27.55 7.29 52.99
C GLY A 242 26.98 8.32 52.04
N ASP A 243 27.46 8.37 50.80
CA ASP A 243 26.94 9.31 49.82
C ASP A 243 25.57 8.85 49.33
N SER A 244 24.90 9.75 48.60
CA SER A 244 23.62 9.47 47.98
C SER A 244 23.78 9.42 46.47
N VAL A 245 23.10 8.47 45.84
CA VAL A 245 23.15 8.26 44.40
C VAL A 245 21.74 8.35 43.84
N THR A 246 21.57 9.09 42.74
CA THR A 246 20.30 9.21 42.06
C THR A 246 20.44 8.76 40.62
N MET A 247 19.56 7.85 40.20
CA MET A 247 19.51 7.38 38.82
C MET A 247 18.11 7.61 38.29
N THR A 248 18.02 8.14 37.07
CA THR A 248 16.73 8.41 36.44
C THR A 248 16.61 7.57 35.17
N CYS A 249 15.36 7.24 34.84
CA CYS A 249 15.03 6.41 33.68
C CYS A 249 14.17 7.24 32.74
N GLU A 250 14.67 7.49 31.54
CA GLU A 250 13.99 8.35 30.57
C GLU A 250 13.56 7.51 29.37
N VAL A 251 12.29 7.65 28.98
CA VAL A 251 11.75 6.93 27.83
C VAL A 251 12.01 7.78 26.59
N SER A 252 12.88 7.28 25.71
CA SER A 252 13.19 7.99 24.48
C SER A 252 12.08 7.79 23.45
N SER A 253 11.71 6.55 23.18
CA SER A 253 10.63 6.24 22.25
C SER A 253 9.81 5.08 22.80
N SER A 254 8.50 5.16 22.64
CA SER A 254 7.61 4.10 23.10
C SER A 254 6.32 4.16 22.28
N ASN A 255 5.92 3.01 21.73
CA ASN A 255 4.67 2.95 20.98
C ASN A 255 4.02 1.58 21.19
N PRO A 256 2.87 1.51 21.88
CA PRO A 256 2.16 2.66 22.47
C PRO A 256 2.78 3.12 23.79
N GLU A 257 2.01 3.93 24.52
CA GLU A 257 2.54 4.57 25.73
C GLU A 257 2.91 3.54 26.78
N TYR A 258 4.00 3.80 27.50
CA TYR A 258 4.47 2.91 28.54
C TYR A 258 3.50 2.90 29.72
N THR A 259 3.56 1.82 30.50
CA THR A 259 2.65 1.63 31.62
C THR A 259 3.31 1.31 32.95
N THR A 260 4.53 0.75 32.96
CA THR A 260 5.16 0.36 34.21
C THR A 260 6.67 0.48 34.09
N VAL A 261 7.32 0.70 35.22
CA VAL A 261 8.78 0.84 35.28
C VAL A 261 9.28 0.07 36.49
N SER A 262 10.44 -0.59 36.34
CA SER A 262 11.08 -1.33 37.42
C SER A 262 12.58 -1.12 37.35
N TRP A 263 13.27 -1.47 38.43
CA TRP A 263 14.72 -1.34 38.53
C TRP A 263 15.34 -2.66 38.93
N LEU A 264 16.55 -2.91 38.43
CA LEU A 264 17.27 -4.14 38.69
C LEU A 264 18.70 -3.82 39.12
N LYS A 265 19.20 -4.57 40.10
CA LYS A 265 20.59 -4.53 40.51
C LYS A 265 21.17 -5.93 40.34
N ASP A 266 22.09 -6.06 39.39
CA ASP A 266 22.78 -7.33 39.11
C ASP A 266 21.77 -8.45 38.82
N GLY A 267 20.81 -8.14 37.95
CA GLY A 267 19.87 -9.14 37.49
C GLY A 267 18.72 -9.44 38.43
N THR A 268 18.70 -8.89 39.63
CA THR A 268 17.59 -9.07 40.56
C THR A 268 16.84 -7.75 40.71
N SER A 269 15.51 -7.84 40.75
CA SER A 269 14.67 -6.65 40.81
C SER A 269 14.70 -6.03 42.19
N LEU A 270 14.73 -4.69 42.23
CA LEU A 270 14.74 -3.95 43.47
C LEU A 270 13.29 -3.68 43.89
N LYS A 271 12.90 -4.21 45.05
CA LYS A 271 11.52 -4.13 45.49
C LYS A 271 11.14 -2.70 45.83
N LYS A 272 9.88 -2.36 45.54
CA LYS A 272 9.28 -1.05 45.80
C LYS A 272 9.88 0.06 44.97
N GLN A 273 10.72 -0.25 43.98
CA GLN A 273 11.27 0.75 43.08
C GLN A 273 10.46 0.70 41.78
N ASN A 274 9.31 1.38 41.80
CA ASN A 274 8.38 1.35 40.67
C ASN A 274 8.12 2.74 40.10
N THR A 275 9.03 3.68 40.34
CA THR A 275 9.04 4.99 39.69
C THR A 275 10.20 5.06 38.71
N PHE A 276 10.26 6.16 37.96
CA PHE A 276 11.33 6.38 36.99
C PHE A 276 12.61 6.94 37.62
N THR A 277 12.67 7.02 38.95
CA THR A 277 13.87 7.49 39.64
C THR A 277 14.25 6.49 40.72
N LEU A 278 15.55 6.17 40.78
CA LEU A 278 16.09 5.32 41.83
C LEU A 278 17.00 6.16 42.72
N ASN A 279 16.66 6.25 43.99
CA ASN A 279 17.43 7.02 44.96
C ASN A 279 18.03 6.06 45.99
N LEU A 280 19.35 6.05 46.04
CA LEU A 280 20.10 5.25 47.02
C LEU A 280 20.70 6.23 48.02
N ARG A 281 20.25 6.17 49.27
CA ARG A 281 20.71 7.07 50.31
C ARG A 281 21.68 6.36 51.25
N GLU A 282 22.74 7.07 51.64
CA GLU A 282 23.72 6.57 52.59
C GLU A 282 24.26 5.21 52.14
N VAL A 283 24.86 5.21 50.95
CA VAL A 283 25.20 3.95 50.29
C VAL A 283 26.28 3.22 51.07
N THR A 284 26.16 1.90 51.13
CA THR A 284 27.20 1.02 51.63
C THR A 284 27.90 0.34 50.45
N LYS A 285 29.06 -0.25 50.73
CA LYS A 285 29.79 -0.97 49.69
C LYS A 285 28.96 -2.13 49.12
N ASP A 286 27.95 -2.60 49.86
CA ASP A 286 27.03 -3.62 49.35
C ASP A 286 26.44 -3.21 48.00
N GLN A 287 25.90 -2.00 47.93
CA GLN A 287 25.13 -1.51 46.80
C GLN A 287 25.95 -1.25 45.54
N SER A 288 27.24 -1.61 45.49
CA SER A 288 27.95 -1.59 44.21
C SER A 288 27.41 -2.68 43.30
N GLY A 289 27.58 -2.48 42.01
CA GLY A 289 27.15 -3.45 41.01
C GLY A 289 26.57 -2.75 39.80
N LYS A 290 25.82 -3.51 39.02
CA LYS A 290 25.26 -3.04 37.75
C LYS A 290 23.78 -2.73 37.92
N TYR A 291 23.38 -1.53 37.53
CA TYR A 291 22.02 -1.03 37.68
C TYR A 291 21.42 -0.71 36.33
N CYS A 292 20.14 -1.03 36.17
CA CYS A 292 19.40 -0.67 34.97
C CYS A 292 17.92 -0.58 35.32
N CYS A 293 17.18 0.12 34.46
CA CYS A 293 15.72 0.21 34.58
C CYS A 293 15.06 -0.55 33.44
N GLN A 294 13.81 -0.98 33.70
CA GLN A 294 13.01 -1.68 32.71
C GLN A 294 11.64 -1.04 32.63
N VAL A 295 11.24 -0.66 31.43
CA VAL A 295 9.95 -0.02 31.18
C VAL A 295 9.18 -0.85 30.17
N SER A 296 7.91 -1.13 30.46
CA SER A 296 7.10 -1.98 29.62
C SER A 296 5.93 -1.20 29.05
N ASN A 297 5.50 -1.60 27.85
CA ASN A 297 4.24 -1.13 27.28
C ASN A 297 3.46 -2.32 26.75
N ASP A 298 2.43 -2.07 25.94
CA ASP A 298 1.61 -3.17 25.45
C ASP A 298 2.42 -4.12 24.57
N VAL A 299 3.48 -3.62 23.93
CA VAL A 299 4.30 -4.46 23.07
C VAL A 299 5.19 -5.37 23.90
N GLY A 300 5.82 -4.83 24.94
CA GLY A 300 6.68 -5.61 25.80
C GLY A 300 7.63 -4.76 26.62
N PRO A 301 8.57 -5.40 27.31
CA PRO A 301 9.51 -4.66 28.15
C PRO A 301 10.79 -4.28 27.40
N GLY A 302 11.30 -3.11 27.76
CA GLY A 302 12.59 -2.65 27.29
C GLY A 302 13.52 -2.40 28.45
N ARG A 303 14.83 -2.40 28.20
CA ARG A 303 15.82 -2.21 29.26
C ARG A 303 16.84 -1.17 28.82
N SER A 304 17.28 -0.35 29.77
CA SER A 304 18.29 0.65 29.51
C SER A 304 19.69 0.02 29.55
N GLU A 305 20.70 0.82 29.25
CA GLU A 305 22.07 0.40 29.48
C GLU A 305 22.33 0.24 30.96
N GLU A 306 23.28 -0.61 31.31
CA GLU A 306 23.63 -0.82 32.71
C GLU A 306 24.56 0.29 33.20
N VAL A 307 24.34 0.71 34.44
CA VAL A 307 25.22 1.66 35.12
C VAL A 307 26.01 0.90 36.17
N PHE A 308 27.34 1.02 36.11
CA PHE A 308 28.21 0.40 37.10
C PHE A 308 28.45 1.39 38.23
N LEU A 309 27.85 1.12 39.38
CA LEU A 309 28.03 1.96 40.56
C LEU A 309 29.19 1.42 41.39
N GLN A 310 30.20 2.25 41.61
CA GLN A 310 31.35 1.91 42.43
C GLN A 310 31.24 2.66 43.75
N VAL A 311 30.95 1.94 44.82
CA VAL A 311 30.98 2.48 46.18
C VAL A 311 32.32 2.07 46.79
N GLN A 312 33.19 3.03 47.03
CA GLN A 312 34.52 2.75 47.55
C GLN A 312 34.53 2.88 49.06
N TYR A 313 35.33 2.03 49.70
CA TYR A 313 35.34 1.92 51.16
C TYR A 313 35.73 3.24 51.81
N ALA A 314 34.99 3.60 52.86
CA ALA A 314 35.20 4.84 53.61
C ALA A 314 35.14 6.06 52.69
C1 NAG B . -10.11 -12.49 -27.51
C2 NAG B . -9.22 -12.78 -26.30
C3 NAG B . -7.91 -12.02 -26.41
C4 NAG B . -7.26 -12.19 -27.78
C5 NAG B . -8.27 -12.00 -28.90
C6 NAG B . -7.73 -12.38 -30.26
C7 NAG B . -10.23 -13.32 -24.12
C8 NAG B . -10.92 -12.77 -22.90
N2 NAG B . -9.91 -12.43 -25.06
O3 NAG B . -7.02 -12.49 -25.39
O4 NAG B . -6.30 -11.17 -27.99
O5 NAG B . -9.42 -12.82 -28.67
O6 NAG B . -6.97 -13.57 -30.21
O7 NAG B . -10.00 -14.51 -24.25
C1 NAG B . -4.98 -11.49 -27.56
C2 NAG B . -4.03 -10.73 -28.49
C3 NAG B . -2.59 -10.84 -28.00
C4 NAG B . -2.49 -10.44 -26.54
C5 NAG B . -3.46 -11.29 -25.72
C6 NAG B . -3.48 -10.92 -24.26
C7 NAG B . -4.57 -10.48 -30.87
C8 NAG B . -4.62 -11.16 -32.20
N2 NAG B . -4.14 -11.23 -29.85
O3 NAG B . -1.76 -10.00 -28.79
O4 NAG B . -1.17 -10.63 -26.06
O5 NAG B . -4.78 -11.06 -26.22
O6 NAG B . -4.58 -11.53 -23.59
O7 NAG B . -4.91 -9.32 -30.72
C1 BMA B . -0.66 -9.33 -25.69
C2 BMA B . 0.80 -9.54 -25.27
C3 BMA B . 1.35 -8.20 -24.80
C4 BMA B . 1.22 -7.16 -25.93
C5 BMA B . -0.26 -7.06 -26.39
C6 BMA B . -0.43 -6.15 -27.59
O2 BMA B . 1.57 -9.92 -26.40
O3 BMA B . 2.69 -8.32 -24.36
O4 BMA B . 1.70 -5.90 -25.49
O5 BMA B . -0.73 -8.38 -26.75
O6 BMA B . 0.61 -6.46 -28.49
C1 MAN B . 2.68 -8.71 -22.96
C2 MAN B . 4.01 -8.23 -22.35
C3 MAN B . 5.18 -8.95 -23.03
C4 MAN B . 4.98 -10.48 -23.07
C5 MAN B . 3.57 -10.87 -23.56
C6 MAN B . 3.26 -12.35 -23.36
O2 MAN B . 4.10 -8.57 -20.96
O3 MAN B . 6.42 -8.62 -22.40
O4 MAN B . 5.95 -11.06 -23.96
O5 MAN B . 2.58 -10.12 -22.82
O6 MAN B . 2.42 -12.77 -24.44
C1 MAN B . 0.34 -5.88 -29.77
C2 MAN B . 0.46 -7.01 -30.81
C3 MAN B . 1.92 -7.49 -30.90
C4 MAN B . 2.90 -6.30 -31.02
C5 MAN B . 2.63 -5.27 -29.92
C6 MAN B . 3.50 -4.03 -30.03
O2 MAN B . 0.11 -6.56 -32.12
O3 MAN B . 2.12 -8.40 -31.98
O4 MAN B . 4.24 -6.77 -30.92
O5 MAN B . 1.26 -4.85 -30.02
O6 MAN B . 3.26 -3.41 -31.30
C1 GAL C . -35.30 0.40 -22.17
C2 GAL C . -34.31 1.29 -21.46
C3 GAL C . -33.26 1.81 -22.37
C4 GAL C . -32.59 0.72 -23.16
C5 GAL C . -33.59 -0.19 -23.85
C6 GAL C . -32.85 -1.37 -24.47
O1 GAL C . -36.17 -0.16 -21.25
O2 GAL C . -35.02 2.41 -20.89
O3 GAL C . -32.26 2.50 -21.59
O4 GAL C . -31.76 -0.07 -22.27
O5 GAL C . -34.61 -0.71 -22.92
O6 GAL C . -33.80 -2.38 -24.87
C1 SIA C . -32.45 -3.47 -26.66
C2 SIA C . -33.49 -3.55 -25.52
C3 SIA C . -34.63 -4.48 -25.90
C4 SIA C . -34.26 -5.90 -25.82
C5 SIA C . -33.56 -6.29 -24.57
C6 SIA C . -32.41 -5.36 -24.24
C7 SIA C . -31.82 -5.68 -22.87
C8 SIA C . -30.65 -4.75 -22.62
C9 SIA C . -29.95 -5.13 -21.33
C10 SIA C . -33.23 -8.71 -23.75
C11 SIA C . -32.67 -10.09 -23.97
N5 SIA C . -33.02 -7.67 -24.77
O1A SIA C . -31.21 -3.41 -26.41
O1B SIA C . -32.83 -3.45 -27.82
O4 SIA C . -35.47 -6.69 -25.93
O6 SIA C . -32.83 -3.95 -24.25
O7 SIA C . -32.82 -5.48 -21.86
O8 SIA C . -29.71 -4.83 -23.69
O9 SIA C . -29.05 -4.07 -20.95
O10 SIA C . -33.83 -8.46 -22.78
C1 GOL D . -10.58 3.62 -8.39
O1 GOL D . -10.58 3.45 -7.02
C2 GOL D . -9.33 4.45 -8.74
O2 GOL D . -8.46 3.73 -9.52
C3 GOL D . -9.84 5.71 -9.47
O3 GOL D . -8.75 6.55 -9.66
#